data_1G7Q
#
_entry.id   1G7Q
#
_cell.length_a   136.151
_cell.length_b   89.429
_cell.length_c   45.288
_cell.angle_alpha   90.00
_cell.angle_beta   90.00
_cell.angle_gamma   90.00
#
_symmetry.space_group_name_H-M   'P 21 21 2'
#
loop_
_entity.id
_entity.type
_entity.pdbx_description
1 polymer 'H-2 CLASS I HISTOCOMPATIBILITY ANTIGEN, K-B ALPHA CHAIN'
2 polymer 'BETA-2 MICROGLOBULIN'
3 polymer 'MUCIN 1, TRANSMEMBRANE'
4 branched 2-acetamido-2-deoxy-beta-D-glucopyranose-(1-4)-[alpha-L-fucopyranose-(1-6)]2-acetamido-2-deoxy-beta-D-glucopyranose
5 non-polymer 2-acetamido-2-deoxy-beta-D-glucopyranose
6 water water
#
loop_
_entity_poly.entity_id
_entity_poly.type
_entity_poly.pdbx_seq_one_letter_code
_entity_poly.pdbx_strand_id
1 'polypeptide(L)'
;GPHSLRYFVTAVSRPGLGEPRYMEVGYVDDTEFVRFDSDAENPRYEPRARWMEQEGPEYWERETQKAKGNEQSFRVDLRT
LLGYYNQSKGGSHTIQVISGCEVGSDGRLLRGYQQYAYDGCDYIALNEDLKTWTAADMAALITKHKWEQAGEAERLRAYL
EGTCVEWLRRYLKNGNATLLRTDSPKAHVTHHSRPEDKVTLRCWALGFYPADITLTWQLNGEELIQDMELVETRPAGDGT
FQKWASVVVPLGKEQYYTCHVYHQGLPEPLTLRW
;
A
2 'polypeptide(L)'
;IQKTPQIQVYSRHPPENGKPNILNCYVTQFHPPHIEIQMLKNGKKIPKVEMSDMSFSKDWSFYILAHTEFTPTETDTYAC
RVKHDSMAEPKTVYWDRDM
;
B
3 'polypeptide(L)' SAPDTRPA P
#
# COMPACT_ATOMS: atom_id res chain seq x y z
N GLY A 1 12.88 -10.56 13.54
CA GLY A 1 13.56 -9.74 12.50
C GLY A 1 13.23 -8.28 12.70
N PRO A 2 13.56 -7.41 11.72
CA PRO A 2 13.27 -5.98 11.85
C PRO A 2 11.79 -5.68 11.65
N HIS A 3 11.36 -4.52 12.15
CA HIS A 3 9.96 -4.11 12.03
C HIS A 3 9.91 -2.62 11.76
N SER A 4 8.82 -2.15 11.18
CA SER A 4 8.69 -0.75 10.87
C SER A 4 7.33 -0.17 11.25
N LEU A 5 7.32 1.12 11.49
CA LEU A 5 6.10 1.87 11.79
C LEU A 5 6.10 2.96 10.72
N ARG A 6 5.06 2.99 9.91
CA ARG A 6 4.96 3.97 8.83
C ARG A 6 3.61 4.65 8.76
N TYR A 7 3.63 5.94 8.45
CA TYR A 7 2.42 6.70 8.29
C TYR A 7 2.41 7.32 6.91
N PHE A 8 1.36 7.03 6.15
CA PHE A 8 1.20 7.58 4.80
C PHE A 8 0.15 8.67 4.94
N VAL A 9 0.56 9.90 4.68
CA VAL A 9 -0.32 11.05 4.81
C VAL A 9 -0.57 11.69 3.45
N THR A 10 -1.84 12.00 3.17
CA THR A 10 -2.19 12.62 1.89
C THR A 10 -3.17 13.77 2.09
N ALA A 11 -2.87 14.91 1.48
CA ALA A 11 -3.77 16.07 1.56
C ALA A 11 -4.07 16.45 0.12
N VAL A 12 -5.35 16.48 -0.24
CA VAL A 12 -5.73 16.81 -1.62
C VAL A 12 -6.73 17.96 -1.66
N SER A 13 -6.36 19.06 -2.32
CA SER A 13 -7.27 20.19 -2.41
C SER A 13 -8.32 19.92 -3.47
N ARG A 14 -9.46 20.61 -3.37
CA ARG A 14 -10.53 20.45 -4.33
C ARG A 14 -11.28 21.75 -4.47
N PRO A 15 -10.69 22.72 -5.18
CA PRO A 15 -11.28 24.03 -5.40
C PRO A 15 -12.75 23.90 -5.80
N GLY A 16 -13.60 24.70 -5.14
CA GLY A 16 -15.02 24.68 -5.44
C GLY A 16 -15.82 23.62 -4.71
N LEU A 17 -15.14 22.70 -4.04
CA LEU A 17 -15.82 21.63 -3.33
C LEU A 17 -15.57 21.64 -1.83
N GLY A 18 -15.06 22.75 -1.32
CA GLY A 18 -14.81 22.83 0.11
C GLY A 18 -13.37 22.58 0.51
N GLU A 19 -13.18 22.13 1.75
CA GLU A 19 -11.85 21.88 2.29
C GLU A 19 -11.17 20.67 1.65
N PRO A 20 -9.83 20.65 1.69
CA PRO A 20 -9.06 19.54 1.12
C PRO A 20 -9.36 18.26 1.86
N ARG A 21 -9.19 17.13 1.19
CA ARG A 21 -9.40 15.87 1.86
C ARG A 21 -8.08 15.55 2.52
N TYR A 22 -8.13 15.08 3.76
CA TYR A 22 -6.93 14.75 4.50
C TYR A 22 -7.03 13.35 5.06
N MET A 23 -6.01 12.54 4.78
CA MET A 23 -6.00 11.16 5.24
C MET A 23 -4.64 10.77 5.81
N GLU A 24 -4.69 9.96 6.86
CA GLU A 24 -3.49 9.41 7.51
C GLU A 24 -3.74 7.92 7.64
N VAL A 25 -2.82 7.11 7.17
CA VAL A 25 -2.96 5.66 7.30
C VAL A 25 -1.66 5.13 7.89
N GLY A 26 -1.77 4.41 8.99
CA GLY A 26 -0.59 3.87 9.64
C GLY A 26 -0.43 2.37 9.46
N TYR A 27 0.82 1.93 9.39
CA TYR A 27 1.15 0.52 9.23
C TYR A 27 2.26 0.08 10.16
N VAL A 28 2.14 -1.13 10.67
CA VAL A 28 3.22 -1.72 11.46
C VAL A 28 3.57 -2.83 10.46
N ASP A 29 4.78 -2.78 9.93
CA ASP A 29 5.21 -3.72 8.90
C ASP A 29 4.24 -3.59 7.73
N ASP A 30 3.65 -4.69 7.28
CA ASP A 30 2.75 -4.63 6.13
C ASP A 30 1.28 -4.64 6.52
N THR A 31 1.00 -4.45 7.81
CA THR A 31 -0.37 -4.48 8.32
C THR A 31 -0.94 -3.09 8.65
N GLU A 32 -2.07 -2.73 8.03
CA GLU A 32 -2.70 -1.45 8.31
C GLU A 32 -3.23 -1.54 9.74
N PHE A 33 -2.99 -0.53 10.58
CA PHE A 33 -3.49 -0.62 11.95
C PHE A 33 -4.28 0.57 12.47
N VAL A 34 -4.17 1.72 11.80
CA VAL A 34 -4.92 2.92 12.18
C VAL A 34 -5.20 3.77 10.95
N ARG A 35 -6.23 4.59 11.01
CA ARG A 35 -6.60 5.44 9.89
C ARG A 35 -7.40 6.65 10.32
N PHE A 36 -7.23 7.75 9.60
CA PHE A 36 -7.97 8.99 9.82
C PHE A 36 -8.37 9.47 8.43
N ASP A 37 -9.64 9.81 8.25
CA ASP A 37 -10.13 10.29 6.96
C ASP A 37 -11.06 11.48 7.22
N SER A 38 -10.64 12.66 6.78
CA SER A 38 -11.42 13.88 6.97
C SER A 38 -12.79 13.87 6.31
N ASP A 39 -12.98 12.98 5.33
CA ASP A 39 -14.26 12.90 4.64
C ASP A 39 -15.30 12.02 5.33
N ALA A 40 -14.93 11.44 6.46
CA ALA A 40 -15.86 10.59 7.21
C ALA A 40 -16.86 11.54 7.86
N GLU A 41 -18.03 11.03 8.25
CA GLU A 41 -19.06 11.87 8.88
C GLU A 41 -18.45 12.66 10.03
N ASN A 42 -18.01 11.96 11.07
CA ASN A 42 -17.38 12.59 12.22
C ASN A 42 -15.94 12.08 12.26
N PRO A 43 -15.04 12.73 11.50
CA PRO A 43 -13.63 12.35 11.43
C PRO A 43 -12.95 12.06 12.76
N ARG A 44 -12.44 10.85 12.90
CA ARG A 44 -11.74 10.44 14.11
C ARG A 44 -10.71 9.37 13.78
N TYR A 45 -9.67 9.27 14.60
CA TYR A 45 -8.66 8.24 14.39
C TYR A 45 -9.37 6.94 14.74
N GLU A 46 -9.19 5.91 13.91
CA GLU A 46 -9.85 4.63 14.15
C GLU A 46 -8.90 3.46 14.05
N PRO A 47 -9.17 2.39 14.80
CA PRO A 47 -8.33 1.20 14.76
C PRO A 47 -8.65 0.45 13.46
N ARG A 48 -7.64 -0.17 12.88
CA ARG A 48 -7.79 -0.94 11.64
C ARG A 48 -7.29 -2.37 11.87
N ALA A 49 -6.74 -2.62 13.05
CA ALA A 49 -6.24 -3.94 13.43
C ALA A 49 -6.86 -4.27 14.79
N ARG A 50 -7.26 -5.53 14.96
CA ARG A 50 -7.92 -5.95 16.20
C ARG A 50 -7.15 -5.66 17.48
N TRP A 51 -5.84 -5.86 17.48
CA TRP A 51 -5.08 -5.62 18.70
C TRP A 51 -5.05 -4.16 19.18
N MET A 52 -5.49 -3.22 18.34
CA MET A 52 -5.49 -1.84 18.77
C MET A 52 -6.63 -1.55 19.76
N GLU A 53 -7.41 -2.59 20.05
CA GLU A 53 -8.49 -2.46 21.02
C GLU A 53 -7.83 -2.29 22.38
N GLN A 54 -6.53 -2.60 22.43
CA GLN A 54 -5.78 -2.50 23.68
C GLN A 54 -5.45 -1.07 24.09
N GLU A 55 -5.70 -0.11 23.21
CA GLU A 55 -5.45 1.29 23.53
C GLU A 55 -6.72 1.89 24.12
N GLY A 56 -6.57 2.65 25.21
CA GLY A 56 -7.72 3.26 25.85
C GLY A 56 -8.25 4.49 25.13
N PRO A 57 -9.37 5.06 25.62
CA PRO A 57 -10.02 6.25 25.04
C PRO A 57 -9.08 7.44 24.84
N GLU A 58 -8.17 7.63 25.77
CA GLU A 58 -7.22 8.73 25.71
C GLU A 58 -6.37 8.68 24.45
N TYR A 59 -6.00 7.47 24.04
CA TYR A 59 -5.19 7.28 22.84
C TYR A 59 -5.93 7.79 21.62
N TRP A 60 -7.17 7.35 21.46
CA TRP A 60 -7.96 7.76 20.31
C TRP A 60 -8.25 9.25 20.31
N GLU A 61 -8.49 9.84 21.48
CA GLU A 61 -8.76 11.26 21.55
C GLU A 61 -7.50 12.05 21.18
N ARG A 62 -6.37 11.63 21.74
CA ARG A 62 -5.10 12.31 21.46
C ARG A 62 -4.71 12.22 19.99
N GLU A 63 -4.83 11.05 19.39
CA GLU A 63 -4.48 10.88 17.98
C GLU A 63 -5.45 11.65 17.07
N THR A 64 -6.71 11.70 17.47
CA THR A 64 -7.71 12.44 16.68
C THR A 64 -7.37 13.93 16.71
N GLN A 65 -7.08 14.47 17.89
CA GLN A 65 -6.74 15.90 17.98
C GLN A 65 -5.46 16.21 17.22
N LYS A 66 -4.48 15.31 17.28
CA LYS A 66 -3.24 15.51 16.56
C LYS A 66 -3.50 15.49 15.05
N ALA A 67 -4.35 14.57 14.61
CA ALA A 67 -4.67 14.47 13.19
C ALA A 67 -5.37 15.74 12.70
N LYS A 68 -6.27 16.28 13.50
CA LYS A 68 -6.97 17.49 13.10
C LYS A 68 -6.00 18.67 13.04
N GLY A 69 -4.99 18.65 13.91
CA GLY A 69 -3.99 19.71 13.90
C GLY A 69 -3.15 19.58 12.64
N ASN A 70 -2.80 18.35 12.29
CA ASN A 70 -2.01 18.10 11.10
C ASN A 70 -2.81 18.48 9.86
N GLU A 71 -4.11 18.18 9.87
CA GLU A 71 -4.97 18.51 8.76
C GLU A 71 -4.92 20.01 8.51
N GLN A 72 -5.01 20.80 9.58
CA GLN A 72 -4.97 22.25 9.44
C GLN A 72 -3.63 22.72 8.88
N SER A 73 -2.56 22.09 9.33
CA SER A 73 -1.22 22.45 8.85
C SER A 73 -1.13 22.21 7.34
N PHE A 74 -1.65 21.07 6.87
CA PHE A 74 -1.59 20.78 5.45
C PHE A 74 -2.48 21.70 4.61
N ARG A 75 -3.57 22.18 5.20
CA ARG A 75 -4.45 23.10 4.48
C ARG A 75 -3.61 24.33 4.17
N VAL A 76 -2.79 24.74 5.13
CA VAL A 76 -1.93 25.89 4.95
C VAL A 76 -0.86 25.60 3.90
N ASP A 77 -0.25 24.42 3.95
CA ASP A 77 0.77 24.03 2.97
C ASP A 77 0.26 24.07 1.53
N LEU A 78 -0.96 23.58 1.32
CA LEU A 78 -1.52 23.58 -0.03
C LEU A 78 -1.60 25.01 -0.56
N ARG A 79 -1.96 25.94 0.31
CA ARG A 79 -2.05 27.35 -0.06
C ARG A 79 -0.64 27.91 -0.30
N THR A 80 0.28 27.59 0.61
CA THR A 80 1.65 28.07 0.51
C THR A 80 2.34 27.61 -0.78
N LEU A 81 2.21 26.33 -1.10
CA LEU A 81 2.84 25.82 -2.31
C LEU A 81 2.28 26.43 -3.61
N LEU A 82 1.03 26.86 -3.58
CA LEU A 82 0.44 27.49 -4.76
C LEU A 82 1.25 28.75 -5.02
N GLY A 83 1.67 29.39 -3.93
CA GLY A 83 2.48 30.60 -4.03
C GLY A 83 3.88 30.29 -4.51
N TYR A 84 4.53 29.32 -3.88
CA TYR A 84 5.89 28.95 -4.26
C TYR A 84 5.98 28.62 -5.74
N TYR A 85 5.00 27.84 -6.22
CA TYR A 85 4.99 27.43 -7.62
C TYR A 85 4.21 28.36 -8.55
N ASN A 86 3.65 29.43 -7.98
CA ASN A 86 2.89 30.40 -8.76
C ASN A 86 1.78 29.73 -9.58
N GLN A 87 0.96 28.93 -8.92
CA GLN A 87 -0.13 28.22 -9.58
C GLN A 87 -1.49 28.84 -9.26
N SER A 88 -2.47 28.51 -10.07
CA SER A 88 -3.84 29.00 -9.91
C SER A 88 -4.56 28.38 -8.72
N LYS A 89 -5.59 29.05 -8.24
CA LYS A 89 -6.36 28.56 -7.11
C LYS A 89 -7.46 27.60 -7.54
N GLY A 90 -7.64 27.43 -8.85
CA GLY A 90 -8.69 26.57 -9.35
C GLY A 90 -8.34 25.11 -9.60
N GLY A 91 -7.08 24.74 -9.42
CA GLY A 91 -6.70 23.36 -9.67
C GLY A 91 -6.51 22.52 -8.43
N SER A 92 -6.65 21.22 -8.58
CA SER A 92 -6.45 20.29 -7.47
C SER A 92 -4.98 19.94 -7.36
N HIS A 93 -4.46 19.92 -6.14
CA HIS A 93 -3.07 19.58 -5.92
C HIS A 93 -2.96 18.61 -4.76
N THR A 94 -1.87 17.85 -4.73
CA THR A 94 -1.67 16.84 -3.71
C THR A 94 -0.36 16.95 -2.95
N ILE A 95 -0.42 16.76 -1.65
CA ILE A 95 0.78 16.72 -0.84
C ILE A 95 0.76 15.33 -0.22
N GLN A 96 1.91 14.66 -0.27
CA GLN A 96 2.04 13.32 0.31
C GLN A 96 3.23 13.30 1.24
N VAL A 97 3.09 12.59 2.34
CA VAL A 97 4.19 12.46 3.27
C VAL A 97 4.27 11.04 3.79
N ILE A 98 5.50 10.52 3.86
CA ILE A 98 5.72 9.19 4.43
C ILE A 98 6.68 9.43 5.58
N SER A 99 6.27 9.00 6.78
CA SER A 99 7.09 9.16 7.97
C SER A 99 7.18 7.81 8.63
N GLY A 100 8.35 7.48 9.15
CA GLY A 100 8.46 6.19 9.79
C GLY A 100 9.80 5.89 10.39
N CYS A 101 9.86 4.77 11.10
CA CYS A 101 11.08 4.33 11.74
C CYS A 101 11.10 2.82 11.66
N GLU A 102 12.31 2.26 11.67
CA GLU A 102 12.46 0.82 11.61
C GLU A 102 13.40 0.41 12.72
N VAL A 103 13.09 -0.70 13.37
CA VAL A 103 13.91 -1.21 14.45
C VAL A 103 14.32 -2.65 14.15
N GLY A 104 15.43 -3.07 14.74
CA GLY A 104 15.90 -4.43 14.54
C GLY A 104 15.18 -5.35 15.50
N SER A 105 15.57 -6.62 15.51
CA SER A 105 14.96 -7.61 16.39
C SER A 105 15.10 -7.26 17.87
N ASP A 106 16.12 -6.47 18.19
CA ASP A 106 16.35 -6.08 19.58
C ASP A 106 15.62 -4.79 19.95
N GLY A 107 14.80 -4.28 19.04
CA GLY A 107 14.04 -3.07 19.31
C GLY A 107 14.80 -1.76 19.17
N ARG A 108 16.04 -1.82 18.71
CA ARG A 108 16.83 -0.61 18.55
C ARG A 108 16.66 -0.03 17.15
N LEU A 109 16.67 1.30 17.07
CA LEU A 109 16.51 2.00 15.81
C LEU A 109 17.51 1.62 14.72
N LEU A 110 17.01 1.36 13.53
CA LEU A 110 17.85 1.03 12.38
C LEU A 110 17.90 2.27 11.51
N ARG A 111 16.74 2.88 11.30
CA ARG A 111 16.67 4.09 10.50
C ARG A 111 15.32 4.77 10.65
N GLY A 112 15.31 6.08 10.40
CA GLY A 112 14.08 6.83 10.49
C GLY A 112 14.00 7.65 9.22
N TYR A 113 12.81 8.11 8.87
CA TYR A 113 12.67 8.89 7.66
C TYR A 113 11.38 9.68 7.57
N GLN A 114 11.42 10.70 6.73
CA GLN A 114 10.25 11.52 6.46
C GLN A 114 10.50 12.19 5.12
N GLN A 115 9.63 11.88 4.16
CA GLN A 115 9.75 12.44 2.83
C GLN A 115 8.44 13.05 2.37
N TYR A 116 8.54 14.19 1.69
CA TYR A 116 7.40 14.93 1.16
C TYR A 116 7.38 14.93 -0.36
N ALA A 117 6.18 14.99 -0.92
CA ALA A 117 5.99 15.05 -2.36
C ALA A 117 4.86 16.03 -2.64
N TYR A 118 4.96 16.72 -3.77
CA TYR A 118 3.92 17.65 -4.18
C TYR A 118 3.57 17.23 -5.60
N ASP A 119 2.27 16.99 -5.82
CA ASP A 119 1.77 16.56 -7.10
C ASP A 119 2.55 15.37 -7.66
N GLY A 120 2.86 14.42 -6.78
CA GLY A 120 3.55 13.21 -7.19
C GLY A 120 5.03 13.28 -7.49
N CYS A 121 5.69 14.37 -7.07
CA CYS A 121 7.13 14.53 -7.30
C CYS A 121 7.83 14.88 -5.99
N ASP A 122 9.06 14.38 -5.84
CA ASP A 122 9.84 14.67 -4.63
C ASP A 122 9.82 16.16 -4.34
N TYR A 123 9.61 16.52 -3.08
CA TYR A 123 9.60 17.93 -2.67
C TYR A 123 10.79 18.13 -1.73
N ILE A 124 10.70 17.57 -0.54
CA ILE A 124 11.78 17.68 0.44
C ILE A 124 11.82 16.40 1.26
N ALA A 125 13.00 16.04 1.74
CA ALA A 125 13.15 14.84 2.54
C ALA A 125 14.25 14.99 3.57
N LEU A 126 14.07 14.32 4.70
CA LEU A 126 15.08 14.35 5.75
C LEU A 126 16.17 13.39 5.29
N ASN A 127 17.43 13.78 5.45
CA ASN A 127 18.51 12.89 5.05
C ASN A 127 18.67 11.78 6.07
N GLU A 128 19.41 10.74 5.70
CA GLU A 128 19.64 9.60 6.59
C GLU A 128 20.23 10.01 7.94
N ASP A 129 20.99 11.09 7.94
CA ASP A 129 21.63 11.56 9.17
C ASP A 129 20.62 12.12 10.18
N LEU A 130 19.40 12.38 9.70
CA LEU A 130 18.35 12.93 10.55
C LEU A 130 18.72 14.32 11.04
N LYS A 131 19.62 15.00 10.31
CA LYS A 131 20.05 16.33 10.71
C LYS A 131 19.81 17.38 9.63
N THR A 132 19.90 16.98 8.38
CA THR A 132 19.71 17.92 7.27
C THR A 132 18.65 17.45 6.29
N TRP A 133 18.18 18.39 5.47
CA TRP A 133 17.16 18.10 4.46
C TRP A 133 17.72 18.19 3.05
N THR A 134 17.06 17.48 2.14
CA THR A 134 17.42 17.52 0.73
C THR A 134 16.18 18.06 0.02
N ALA A 135 16.34 19.14 -0.74
CA ALA A 135 15.25 19.77 -1.46
C ALA A 135 15.34 19.46 -2.95
N ALA A 136 14.21 19.07 -3.54
CA ALA A 136 14.16 18.70 -4.95
C ALA A 136 14.15 19.87 -5.92
N ASP A 137 13.67 21.02 -5.46
CA ASP A 137 13.61 22.20 -6.33
C ASP A 137 13.72 23.47 -5.51
N MET A 138 13.60 24.62 -6.18
CA MET A 138 13.73 25.89 -5.48
C MET A 138 12.58 26.20 -4.52
N ALA A 139 11.41 25.61 -4.75
CA ALA A 139 10.31 25.85 -3.83
C ALA A 139 10.66 25.15 -2.52
N ALA A 140 11.07 23.89 -2.64
CA ALA A 140 11.45 23.09 -1.49
C ALA A 140 12.64 23.70 -0.77
N LEU A 141 13.46 24.44 -1.51
CA LEU A 141 14.61 25.07 -0.89
C LEU A 141 14.13 26.16 0.09
N ILE A 142 13.01 26.79 -0.23
CA ILE A 142 12.44 27.81 0.65
C ILE A 142 12.03 27.12 1.95
N THR A 143 11.38 25.98 1.81
CA THR A 143 10.93 25.20 2.96
C THR A 143 12.14 24.76 3.78
N LYS A 144 13.18 24.27 3.11
CA LYS A 144 14.40 23.83 3.79
C LYS A 144 14.94 24.94 4.67
N HIS A 145 15.02 26.14 4.12
CA HIS A 145 15.54 27.27 4.88
C HIS A 145 14.64 27.59 6.06
N LYS A 146 13.33 27.53 5.86
CA LYS A 146 12.39 27.80 6.95
C LYS A 146 12.56 26.79 8.09
N TRP A 147 12.64 25.51 7.74
CA TRP A 147 12.77 24.48 8.75
C TRP A 147 14.11 24.50 9.49
N GLU A 148 15.18 24.93 8.83
CA GLU A 148 16.48 25.00 9.48
C GLU A 148 16.44 26.12 10.53
N GLN A 149 15.86 27.25 10.16
CA GLN A 149 15.77 28.38 11.08
C GLN A 149 14.87 28.08 12.27
N ALA A 150 13.91 27.18 12.07
CA ALA A 150 12.98 26.82 13.13
C ALA A 150 13.44 25.60 13.93
N GLY A 151 14.52 24.98 13.47
CA GLY A 151 15.05 23.81 14.15
C GLY A 151 14.13 22.60 14.04
N GLU A 152 13.45 22.48 12.91
CA GLU A 152 12.54 21.36 12.68
C GLU A 152 13.23 19.99 12.65
N ALA A 153 14.42 19.92 12.10
CA ALA A 153 15.13 18.65 12.01
C ALA A 153 15.34 18.05 13.40
N GLU A 154 15.76 18.87 14.35
CA GLU A 154 16.00 18.41 15.70
C GLU A 154 14.72 17.85 16.32
N ARG A 155 13.61 18.52 16.07
CA ARG A 155 12.32 18.10 16.61
C ARG A 155 11.90 16.77 15.97
N LEU A 156 12.10 16.67 14.67
CA LEU A 156 11.73 15.45 13.95
C LEU A 156 12.64 14.30 14.36
N ARG A 157 13.92 14.59 14.55
CA ARG A 157 14.85 13.55 14.97
C ARG A 157 14.42 13.01 16.33
N ALA A 158 13.98 13.90 17.21
CA ALA A 158 13.53 13.47 18.54
C ALA A 158 12.33 12.53 18.41
N TYR A 159 11.44 12.84 17.49
CA TYR A 159 10.27 12.00 17.25
C TYR A 159 10.69 10.63 16.71
N LEU A 160 11.53 10.62 15.70
CA LEU A 160 11.98 9.38 15.08
C LEU A 160 12.74 8.44 16.00
N GLU A 161 13.71 8.98 16.74
CA GLU A 161 14.52 8.17 17.64
C GLU A 161 13.81 7.84 18.95
N GLY A 162 12.84 8.66 19.32
CA GLY A 162 12.14 8.43 20.57
C GLY A 162 10.72 7.93 20.45
N THR A 163 9.80 8.87 20.23
CA THR A 163 8.38 8.58 20.11
C THR A 163 8.03 7.44 19.16
N CYS A 164 8.56 7.52 17.94
CA CYS A 164 8.26 6.51 16.92
C CYS A 164 8.74 5.12 17.35
N VAL A 165 9.98 5.04 17.81
CA VAL A 165 10.56 3.77 18.24
C VAL A 165 9.79 3.17 19.42
N GLU A 166 9.52 4.00 20.43
CA GLU A 166 8.82 3.54 21.61
C GLU A 166 7.42 3.05 21.33
N TRP A 167 6.69 3.74 20.45
CA TRP A 167 5.35 3.29 20.11
C TRP A 167 5.42 2.02 19.27
N LEU A 168 6.38 1.95 18.36
CA LEU A 168 6.51 0.75 17.55
C LEU A 168 6.73 -0.47 18.44
N ARG A 169 7.60 -0.34 19.44
CA ARG A 169 7.84 -1.46 20.35
C ARG A 169 6.55 -1.87 21.06
N ARG A 170 5.76 -0.88 21.46
CA ARG A 170 4.50 -1.12 22.14
C ARG A 170 3.50 -1.82 21.23
N TYR A 171 3.40 -1.37 19.99
CA TYR A 171 2.47 -1.99 19.05
C TYR A 171 2.87 -3.42 18.77
N LEU A 172 4.17 -3.68 18.66
CA LEU A 172 4.66 -5.03 18.41
C LEU A 172 4.37 -5.93 19.61
N LYS A 173 4.44 -5.37 20.80
CA LYS A 173 4.16 -6.12 22.02
C LYS A 173 2.67 -6.45 22.13
N ASN A 174 1.82 -5.44 21.97
CA ASN A 174 0.38 -5.64 22.07
C ASN A 174 -0.18 -6.50 20.95
N GLY A 175 0.33 -6.30 19.75
CA GLY A 175 -0.17 -7.07 18.61
C GLY A 175 0.72 -8.24 18.21
N ASN A 176 1.50 -8.76 19.16
CA ASN A 176 2.42 -9.87 18.87
C ASN A 176 1.80 -11.09 18.16
N ALA A 177 0.61 -11.50 18.57
CA ALA A 177 -0.02 -12.68 17.96
C ALA A 177 -0.28 -12.49 16.47
N THR A 178 -0.52 -11.25 16.07
CA THR A 178 -0.80 -10.93 14.68
C THR A 178 0.48 -10.55 13.92
N LEU A 179 1.24 -9.63 14.49
CA LEU A 179 2.44 -9.11 13.87
C LEU A 179 3.67 -10.01 13.83
N LEU A 180 3.83 -10.87 14.82
CA LEU A 180 4.99 -11.75 14.86
C LEU A 180 4.71 -13.14 14.34
N ARG A 181 3.53 -13.32 13.75
CA ARG A 181 3.15 -14.62 13.23
C ARG A 181 3.77 -14.86 11.86
N THR A 182 3.72 -16.12 11.44
CA THR A 182 4.22 -16.52 10.14
C THR A 182 3.19 -17.44 9.50
N ASP A 183 2.62 -17.02 8.38
CA ASP A 183 1.66 -17.85 7.66
C ASP A 183 2.41 -18.34 6.42
N SER A 184 2.55 -19.65 6.29
CA SER A 184 3.27 -20.24 5.17
C SER A 184 2.52 -20.18 3.85
N PRO A 185 3.23 -19.88 2.75
CA PRO A 185 2.58 -19.80 1.44
C PRO A 185 2.13 -21.19 0.98
N LYS A 186 1.01 -21.22 0.27
CA LYS A 186 0.49 -22.45 -0.32
C LYS A 186 0.60 -22.13 -1.81
N ALA A 187 1.31 -22.96 -2.55
CA ALA A 187 1.51 -22.69 -3.97
C ALA A 187 0.91 -23.68 -4.94
N HIS A 188 0.72 -23.23 -6.18
CA HIS A 188 0.20 -24.09 -7.23
C HIS A 188 0.51 -23.46 -8.58
N VAL A 189 0.52 -24.28 -9.62
CA VAL A 189 0.83 -23.79 -10.95
C VAL A 189 -0.35 -23.97 -11.90
N THR A 190 -0.66 -22.93 -12.68
CA THR A 190 -1.73 -23.00 -13.66
C THR A 190 -1.10 -23.04 -15.05
N HIS A 191 -1.84 -23.56 -16.01
CA HIS A 191 -1.36 -23.73 -17.38
C HIS A 191 -2.31 -23.07 -18.38
N HIS A 192 -1.75 -22.35 -19.35
CA HIS A 192 -2.56 -21.67 -20.36
C HIS A 192 -1.95 -21.76 -21.75
N SER A 193 -2.76 -22.20 -22.72
CA SER A 193 -2.29 -22.34 -24.09
C SER A 193 -2.07 -20.98 -24.73
N ARG A 194 -1.22 -20.94 -25.75
CA ARG A 194 -0.92 -19.71 -26.46
C ARG A 194 -0.75 -20.03 -27.94
N PRO A 195 -0.78 -19.00 -28.80
CA PRO A 195 -0.60 -19.30 -30.21
C PRO A 195 0.89 -19.62 -30.41
N GLU A 196 1.20 -20.42 -31.42
CA GLU A 196 2.59 -20.78 -31.73
C GLU A 196 3.21 -21.83 -30.79
N ASP A 197 2.49 -22.92 -30.57
CA ASP A 197 2.97 -24.02 -29.73
C ASP A 197 3.75 -23.60 -28.49
N LYS A 198 3.19 -22.66 -27.73
CA LYS A 198 3.83 -22.20 -26.50
C LYS A 198 2.78 -22.20 -25.41
N VAL A 199 3.23 -22.22 -24.16
CA VAL A 199 2.30 -22.23 -23.04
C VAL A 199 2.76 -21.29 -21.94
N THR A 200 1.79 -20.72 -21.23
CA THR A 200 2.09 -19.85 -20.13
C THR A 200 1.99 -20.67 -18.86
N LEU A 201 3.03 -20.65 -18.04
CA LEU A 201 3.01 -21.38 -16.78
C LEU A 201 2.98 -20.29 -15.72
N ARG A 202 1.98 -20.32 -14.84
CA ARG A 202 1.89 -19.31 -13.80
C ARG A 202 1.95 -19.93 -12.43
N CYS A 203 2.93 -19.49 -11.64
CA CYS A 203 3.11 -19.99 -10.29
C CYS A 203 2.46 -19.04 -9.29
N TRP A 204 1.58 -19.59 -8.47
CA TRP A 204 0.87 -18.81 -7.46
C TRP A 204 1.33 -19.13 -6.05
N ALA A 205 1.48 -18.08 -5.23
CA ALA A 205 1.83 -18.23 -3.82
C ALA A 205 0.68 -17.54 -3.09
N LEU A 206 -0.03 -18.29 -2.25
CA LEU A 206 -1.18 -17.75 -1.54
C LEU A 206 -1.13 -17.84 -0.02
N GLY A 207 -1.92 -16.97 0.61
CA GLY A 207 -2.09 -16.91 2.05
C GLY A 207 -0.89 -16.78 2.96
N PHE A 208 0.11 -16.01 2.56
CA PHE A 208 1.30 -15.88 3.40
C PHE A 208 1.45 -14.56 4.13
N TYR A 209 2.31 -14.60 5.15
CA TYR A 209 2.60 -13.44 5.97
C TYR A 209 3.90 -13.75 6.70
N PRO A 210 4.84 -12.80 6.76
CA PRO A 210 4.78 -11.45 6.18
C PRO A 210 4.77 -11.38 4.65
N ALA A 211 4.68 -10.17 4.13
CA ALA A 211 4.63 -9.94 2.69
C ALA A 211 5.88 -10.33 1.89
N ASP A 212 7.05 -10.19 2.49
CA ASP A 212 8.27 -10.53 1.77
C ASP A 212 8.28 -11.99 1.31
N ILE A 213 8.57 -12.18 0.03
CA ILE A 213 8.60 -13.53 -0.53
C ILE A 213 9.41 -13.48 -1.82
N THR A 214 9.87 -14.63 -2.27
CA THR A 214 10.61 -14.70 -3.52
C THR A 214 10.04 -15.85 -4.34
N LEU A 215 9.66 -15.53 -5.58
CA LEU A 215 9.11 -16.51 -6.51
C LEU A 215 9.97 -16.49 -7.75
N THR A 216 10.50 -17.65 -8.13
CA THR A 216 11.33 -17.70 -9.33
C THR A 216 11.01 -18.94 -10.15
N TRP A 217 11.30 -18.87 -11.44
CA TRP A 217 11.12 -20.00 -12.32
C TRP A 217 12.52 -20.44 -12.70
N GLN A 218 12.73 -21.76 -12.78
CA GLN A 218 14.03 -22.30 -13.14
C GLN A 218 13.96 -23.27 -14.30
N LEU A 219 15.06 -23.32 -15.05
CA LEU A 219 15.22 -24.21 -16.18
C LEU A 219 16.66 -24.70 -16.15
N ASN A 220 16.85 -26.02 -16.10
CA ASN A 220 18.19 -26.59 -16.08
C ASN A 220 18.99 -26.18 -14.84
N GLY A 221 18.31 -25.57 -13.88
CA GLY A 221 18.97 -25.14 -12.66
C GLY A 221 19.30 -23.66 -12.60
N GLU A 222 18.98 -22.94 -13.67
CA GLU A 222 19.24 -21.51 -13.73
C GLU A 222 17.93 -20.74 -13.65
N GLU A 223 17.96 -19.58 -12.99
CA GLU A 223 16.77 -18.76 -12.82
C GLU A 223 16.47 -18.01 -14.13
N LEU A 224 15.19 -17.68 -14.32
CA LEU A 224 14.74 -16.98 -15.52
C LEU A 224 14.08 -15.65 -15.16
N ILE A 225 14.69 -14.91 -14.24
CA ILE A 225 14.15 -13.62 -13.80
C ILE A 225 13.87 -12.64 -14.94
N GLN A 226 14.73 -12.62 -15.94
CA GLN A 226 14.56 -11.71 -17.07
C GLN A 226 13.42 -12.10 -18.01
N ASP A 227 13.04 -13.38 -17.99
CA ASP A 227 11.97 -13.86 -18.85
C ASP A 227 10.63 -13.97 -18.11
N MET A 228 10.66 -13.73 -16.81
CA MET A 228 9.44 -13.82 -16.00
C MET A 228 8.56 -12.58 -16.04
N GLU A 229 7.26 -12.81 -15.85
CA GLU A 229 6.29 -11.73 -15.77
C GLU A 229 5.73 -11.94 -14.38
N LEU A 230 5.32 -10.87 -13.73
CA LEU A 230 4.77 -11.02 -12.38
C LEU A 230 4.05 -9.78 -11.91
N VAL A 231 3.42 -9.89 -10.74
CA VAL A 231 2.71 -8.78 -10.14
C VAL A 231 3.37 -8.50 -8.80
N GLU A 232 3.26 -7.27 -8.34
CA GLU A 232 3.83 -6.91 -7.05
C GLU A 232 3.03 -7.69 -6.01
N THR A 233 3.70 -8.09 -4.93
CA THR A 233 3.01 -8.82 -3.86
C THR A 233 1.82 -7.95 -3.46
N ARG A 234 0.67 -8.58 -3.22
CA ARG A 234 -0.54 -7.84 -2.93
C ARG A 234 -1.37 -8.40 -1.78
N PRO A 235 -2.09 -7.50 -1.07
CA PRO A 235 -2.94 -7.89 0.06
C PRO A 235 -4.15 -8.65 -0.44
N ALA A 236 -4.57 -9.67 0.30
CA ALA A 236 -5.69 -10.51 -0.10
C ALA A 236 -6.98 -10.28 0.66
N GLY A 237 -7.03 -9.21 1.44
CA GLY A 237 -8.26 -8.87 2.15
C GLY A 237 -8.43 -9.36 3.58
N ASP A 238 -7.59 -10.28 4.00
CA ASP A 238 -7.69 -10.82 5.36
C ASP A 238 -6.39 -10.73 6.13
N GLY A 239 -5.50 -9.84 5.70
CA GLY A 239 -4.25 -9.69 6.41
C GLY A 239 -3.10 -10.52 5.84
N THR A 240 -3.40 -11.31 4.81
CA THR A 240 -2.36 -12.12 4.18
C THR A 240 -2.08 -11.55 2.80
N PHE A 241 -1.06 -12.10 2.15
CA PHE A 241 -0.67 -11.61 0.84
C PHE A 241 -0.60 -12.73 -0.18
N GLN A 242 -0.51 -12.34 -1.45
CA GLN A 242 -0.39 -13.32 -2.52
C GLN A 242 0.47 -12.73 -3.63
N LYS A 243 0.91 -13.60 -4.52
CA LYS A 243 1.75 -13.18 -5.63
C LYS A 243 1.80 -14.27 -6.68
N TRP A 244 2.09 -13.90 -7.92
CA TRP A 244 2.25 -14.89 -8.97
C TRP A 244 3.36 -14.44 -9.90
N ALA A 245 3.99 -15.41 -10.55
CA ALA A 245 5.07 -15.17 -11.48
C ALA A 245 4.88 -16.18 -12.60
N SER A 246 4.99 -15.73 -13.84
CA SER A 246 4.80 -16.62 -14.97
C SER A 246 5.94 -16.60 -15.97
N VAL A 247 5.99 -17.64 -16.79
CA VAL A 247 7.00 -17.76 -17.83
C VAL A 247 6.32 -18.42 -19.03
N VAL A 248 6.77 -18.09 -20.22
CA VAL A 248 6.23 -18.68 -21.44
C VAL A 248 7.23 -19.73 -21.88
N VAL A 249 6.76 -20.98 -22.00
CA VAL A 249 7.65 -22.08 -22.38
C VAL A 249 7.11 -22.87 -23.58
N PRO A 250 7.99 -23.66 -24.22
CA PRO A 250 7.62 -24.46 -25.39
C PRO A 250 6.63 -25.56 -25.02
N LEU A 251 5.62 -25.76 -25.86
CA LEU A 251 4.63 -26.79 -25.62
C LEU A 251 5.32 -28.15 -25.58
N GLY A 252 5.02 -28.95 -24.56
CA GLY A 252 5.63 -30.25 -24.44
C GLY A 252 6.88 -30.29 -23.59
N LYS A 253 7.36 -29.12 -23.17
CA LYS A 253 8.57 -29.03 -22.35
C LYS A 253 8.27 -28.42 -20.98
N GLU A 254 7.00 -28.40 -20.59
CA GLU A 254 6.59 -27.83 -19.31
C GLU A 254 7.25 -28.53 -18.11
N GLN A 255 7.33 -29.85 -18.16
CA GLN A 255 7.91 -30.63 -17.07
C GLN A 255 9.35 -30.24 -16.75
N TYR A 256 9.97 -29.47 -17.64
CA TYR A 256 11.35 -29.06 -17.46
C TYR A 256 11.50 -27.79 -16.63
N TYR A 257 10.39 -27.13 -16.34
CA TYR A 257 10.41 -25.89 -15.56
C TYR A 257 9.91 -26.10 -14.14
N THR A 258 10.55 -25.43 -13.20
CA THR A 258 10.17 -25.55 -11.80
C THR A 258 10.05 -24.18 -11.15
N CYS A 259 9.02 -24.05 -10.32
CA CYS A 259 8.79 -22.81 -9.59
C CYS A 259 9.35 -22.99 -8.19
N HIS A 260 10.07 -21.98 -7.72
CA HIS A 260 10.66 -22.05 -6.39
C HIS A 260 10.08 -20.91 -5.55
N VAL A 261 9.67 -21.24 -4.34
CA VAL A 261 9.07 -20.27 -3.42
C VAL A 261 9.89 -20.20 -2.14
N TYR A 262 10.39 -19.01 -1.82
CA TYR A 262 11.18 -18.81 -0.61
C TYR A 262 10.41 -17.89 0.30
N HIS A 263 10.28 -18.26 1.56
CA HIS A 263 9.53 -17.45 2.52
C HIS A 263 9.93 -17.79 3.94
N GLN A 264 9.71 -16.84 4.83
CA GLN A 264 10.00 -17.00 6.25
C GLN A 264 9.30 -18.24 6.82
N GLY A 265 8.13 -18.56 6.25
CA GLY A 265 7.38 -19.71 6.71
C GLY A 265 7.66 -21.02 6.00
N LEU A 266 8.74 -21.06 5.22
CA LEU A 266 9.11 -22.27 4.50
C LEU A 266 10.51 -22.70 4.91
N PRO A 267 10.62 -23.58 5.92
CA PRO A 267 11.93 -24.06 6.39
C PRO A 267 12.79 -24.47 5.20
N GLU A 268 12.15 -25.09 4.23
CA GLU A 268 12.82 -25.49 3.01
C GLU A 268 11.96 -24.95 1.88
N PRO A 269 12.57 -24.22 0.94
CA PRO A 269 11.83 -23.63 -0.19
C PRO A 269 10.96 -24.66 -0.89
N LEU A 270 9.85 -24.19 -1.45
CA LEU A 270 8.94 -25.08 -2.18
C LEU A 270 9.43 -25.15 -3.63
N THR A 271 9.27 -26.33 -4.23
CA THR A 271 9.64 -26.53 -5.63
C THR A 271 8.41 -27.16 -6.26
N LEU A 272 7.87 -26.51 -7.30
CA LEU A 272 6.67 -27.01 -7.97
C LEU A 272 6.84 -27.12 -9.47
N ARG A 273 6.07 -28.02 -10.07
CA ARG A 273 6.06 -28.25 -11.51
C ARG A 273 4.59 -28.33 -11.92
N TRP A 274 4.31 -28.10 -13.20
CA TRP A 274 2.93 -28.18 -13.66
C TRP A 274 2.51 -29.65 -13.69
N ILE B 1 2.01 15.37 -13.87
CA ILE B 1 2.17 13.93 -13.51
C ILE B 1 0.82 13.22 -13.42
N GLN B 2 0.61 12.25 -14.31
CA GLN B 2 -0.62 11.49 -14.33
C GLN B 2 -0.33 10.05 -14.71
N LYS B 3 -0.59 9.13 -13.78
CA LYS B 3 -0.34 7.71 -14.01
C LYS B 3 -1.64 6.91 -14.04
N THR B 4 -1.77 6.05 -15.04
CA THR B 4 -2.95 5.23 -15.20
C THR B 4 -2.94 4.06 -14.23
N PRO B 5 -4.06 3.85 -13.52
CA PRO B 5 -4.14 2.75 -12.55
C PRO B 5 -4.09 1.35 -13.14
N GLN B 6 -3.38 0.46 -12.46
CA GLN B 6 -3.30 -0.93 -12.86
C GLN B 6 -4.40 -1.56 -12.01
N ILE B 7 -5.22 -2.41 -12.61
CA ILE B 7 -6.33 -3.02 -11.90
C ILE B 7 -6.19 -4.54 -11.88
N GLN B 8 -6.13 -5.11 -10.69
CA GLN B 8 -5.96 -6.55 -10.51
C GLN B 8 -7.11 -7.12 -9.67
N VAL B 9 -7.78 -8.13 -10.21
CA VAL B 9 -8.92 -8.76 -9.54
C VAL B 9 -8.58 -10.20 -9.21
N TYR B 10 -8.79 -10.59 -7.95
CA TYR B 10 -8.43 -11.94 -7.53
C TYR B 10 -9.08 -12.32 -6.21
N SER B 11 -9.23 -13.62 -5.98
CA SER B 11 -9.83 -14.11 -4.75
C SER B 11 -8.73 -14.52 -3.77
N ARG B 12 -9.09 -14.58 -2.50
CA ARG B 12 -8.16 -14.96 -1.44
C ARG B 12 -7.81 -16.46 -1.55
N HIS B 13 -8.82 -17.28 -1.77
CA HIS B 13 -8.62 -18.73 -1.90
C HIS B 13 -8.97 -19.18 -3.31
N PRO B 14 -8.40 -20.30 -3.76
CA PRO B 14 -8.74 -20.77 -5.11
C PRO B 14 -10.26 -20.92 -5.08
N PRO B 15 -10.95 -20.44 -6.11
CA PRO B 15 -12.41 -20.53 -6.14
C PRO B 15 -13.01 -21.93 -6.13
N GLU B 16 -13.96 -22.13 -5.22
CA GLU B 16 -14.68 -23.39 -5.08
C GLU B 16 -16.14 -22.99 -4.91
N ASN B 17 -16.97 -23.32 -5.88
CA ASN B 17 -18.38 -22.97 -5.83
C ASN B 17 -19.05 -23.38 -4.52
N GLY B 18 -19.75 -22.43 -3.92
CA GLY B 18 -20.45 -22.68 -2.67
C GLY B 18 -19.64 -22.41 -1.41
N LYS B 19 -18.33 -22.24 -1.55
CA LYS B 19 -17.48 -22.00 -0.40
C LYS B 19 -17.12 -20.52 -0.25
N PRO B 20 -17.37 -19.94 0.94
CA PRO B 20 -17.08 -18.54 1.25
C PRO B 20 -15.66 -18.17 0.85
N ASN B 21 -15.49 -16.96 0.33
CA ASN B 21 -14.19 -16.50 -0.13
C ASN B 21 -14.15 -14.99 0.00
N ILE B 22 -13.08 -14.36 -0.50
CA ILE B 22 -12.95 -12.92 -0.47
C ILE B 22 -12.52 -12.51 -1.87
N LEU B 23 -13.19 -11.52 -2.44
CA LEU B 23 -12.85 -11.05 -3.77
C LEU B 23 -12.14 -9.72 -3.61
N ASN B 24 -11.00 -9.57 -4.28
CA ASN B 24 -10.18 -8.37 -4.20
C ASN B 24 -10.02 -7.63 -5.52
N CYS B 25 -9.98 -6.31 -5.42
CA CYS B 25 -9.69 -5.46 -6.56
C CYS B 25 -8.63 -4.51 -6.06
N TYR B 26 -7.39 -4.76 -6.44
CA TYR B 26 -6.26 -3.93 -6.04
C TYR B 26 -5.98 -2.96 -7.18
N VAL B 27 -6.13 -1.68 -6.90
CA VAL B 27 -5.92 -0.63 -7.89
C VAL B 27 -4.62 0.06 -7.53
N THR B 28 -3.64 0.00 -8.44
CA THR B 28 -2.33 0.53 -8.13
C THR B 28 -1.66 1.43 -9.14
N GLN B 29 -0.55 2.01 -8.71
CA GLN B 29 0.27 2.88 -9.54
C GLN B 29 -0.46 4.04 -10.20
N PHE B 30 -1.38 4.67 -9.49
CA PHE B 30 -2.11 5.78 -10.08
C PHE B 30 -1.84 7.13 -9.43
N HIS B 31 -2.18 8.19 -10.15
CA HIS B 31 -2.00 9.56 -9.70
C HIS B 31 -2.71 10.40 -10.76
N PRO B 32 -3.49 11.40 -10.36
CA PRO B 32 -3.78 11.86 -8.99
C PRO B 32 -4.57 10.85 -8.14
N PRO B 33 -4.68 11.12 -6.83
CA PRO B 33 -5.38 10.26 -5.89
C PRO B 33 -6.88 10.06 -6.07
N HIS B 34 -7.57 11.06 -6.62
CA HIS B 34 -9.01 10.94 -6.82
C HIS B 34 -9.34 9.77 -7.73
N ILE B 35 -10.18 8.86 -7.26
CA ILE B 35 -10.52 7.68 -8.05
C ILE B 35 -11.85 7.10 -7.59
N GLU B 36 -12.51 6.40 -8.49
CA GLU B 36 -13.78 5.76 -8.18
C GLU B 36 -13.59 4.28 -8.49
N ILE B 37 -13.84 3.44 -7.49
CA ILE B 37 -13.68 1.99 -7.63
C ILE B 37 -14.96 1.28 -7.22
N GLN B 38 -15.49 0.47 -8.13
CA GLN B 38 -16.72 -0.25 -7.86
C GLN B 38 -16.57 -1.73 -8.18
N MET B 39 -17.04 -2.59 -7.29
CA MET B 39 -16.98 -4.02 -7.55
C MET B 39 -18.39 -4.42 -8.02
N LEU B 40 -18.46 -5.26 -9.04
CA LEU B 40 -19.73 -5.67 -9.61
C LEU B 40 -19.98 -7.17 -9.61
N LYS B 41 -21.23 -7.54 -9.36
CA LYS B 41 -21.63 -8.94 -9.39
C LYS B 41 -22.72 -8.99 -10.44
N ASN B 42 -22.48 -9.76 -11.51
CA ASN B 42 -23.45 -9.87 -12.60
C ASN B 42 -23.89 -8.50 -13.10
N GLY B 43 -22.93 -7.58 -13.18
CA GLY B 43 -23.21 -6.24 -13.69
C GLY B 43 -23.85 -5.26 -12.72
N LYS B 44 -24.06 -5.69 -11.48
CA LYS B 44 -24.68 -4.83 -10.48
C LYS B 44 -23.68 -4.53 -9.36
N LYS B 45 -23.63 -3.28 -8.93
CA LYS B 45 -22.71 -2.87 -7.88
C LYS B 45 -22.91 -3.66 -6.58
N ILE B 46 -21.80 -4.07 -5.97
CA ILE B 46 -21.83 -4.80 -4.70
C ILE B 46 -21.80 -3.74 -3.61
N PRO B 47 -22.74 -3.81 -2.66
CA PRO B 47 -22.84 -2.84 -1.55
C PRO B 47 -21.83 -2.81 -0.40
N LYS B 48 -21.50 -3.96 0.18
CA LYS B 48 -20.61 -3.99 1.34
C LYS B 48 -19.11 -3.72 1.17
N VAL B 49 -18.66 -3.50 -0.07
CA VAL B 49 -17.24 -3.28 -0.33
C VAL B 49 -16.43 -2.45 0.67
N GLU B 50 -15.35 -3.05 1.17
CA GLU B 50 -14.46 -2.41 2.12
C GLU B 50 -13.23 -1.89 1.40
N MET B 51 -12.81 -0.67 1.72
CA MET B 51 -11.62 -0.08 1.13
C MET B 51 -10.53 -0.14 2.20
N SER B 52 -9.34 -0.59 1.81
CA SER B 52 -8.25 -0.70 2.78
C SER B 52 -6.90 -0.68 2.09
N ASP B 53 -5.85 -0.80 2.90
CA ASP B 53 -4.49 -0.82 2.41
C ASP B 53 -4.09 0.30 1.46
N MET B 54 -4.48 1.52 1.80
CA MET B 54 -4.09 2.66 0.99
C MET B 54 -2.66 3.02 1.35
N SER B 55 -1.81 3.14 0.33
CA SER B 55 -0.42 3.52 0.53
C SER B 55 0.07 4.08 -0.79
N PHE B 56 1.36 4.42 -0.83
CA PHE B 56 1.96 4.87 -2.07
C PHE B 56 3.37 4.34 -2.16
N SER B 57 3.84 4.16 -3.38
CA SER B 57 5.18 3.62 -3.61
C SER B 57 6.25 4.69 -3.54
N LYS B 58 7.49 4.27 -3.79
CA LYS B 58 8.64 5.15 -3.78
C LYS B 58 8.48 6.26 -4.80
N ASP B 59 7.74 6.00 -5.87
CA ASP B 59 7.54 7.01 -6.91
C ASP B 59 6.25 7.81 -6.67
N TRP B 60 5.72 7.67 -5.46
CA TRP B 60 4.51 8.37 -5.01
C TRP B 60 3.16 7.96 -5.60
N SER B 61 3.16 6.98 -6.50
CA SER B 61 1.89 6.54 -7.07
C SER B 61 1.06 5.87 -5.98
N PHE B 62 -0.26 5.98 -6.09
CA PHE B 62 -1.16 5.41 -5.09
C PHE B 62 -1.56 3.96 -5.29
N TYR B 63 -1.86 3.30 -4.17
CA TYR B 63 -2.29 1.90 -4.14
C TYR B 63 -3.44 1.82 -3.17
N ILE B 64 -4.48 1.06 -3.51
CA ILE B 64 -5.60 0.89 -2.59
C ILE B 64 -6.32 -0.40 -2.91
N LEU B 65 -6.84 -1.06 -1.89
CA LEU B 65 -7.53 -2.32 -2.06
C LEU B 65 -9.02 -2.24 -1.77
N ALA B 66 -9.81 -2.84 -2.67
CA ALA B 66 -11.24 -2.91 -2.48
C ALA B 66 -11.49 -4.41 -2.29
N HIS B 67 -12.22 -4.79 -1.27
CA HIS B 67 -12.48 -6.20 -1.08
C HIS B 67 -13.83 -6.49 -0.46
N THR B 68 -14.34 -7.67 -0.75
CA THR B 68 -15.66 -8.05 -0.25
C THR B 68 -15.74 -9.56 -0.10
N GLU B 69 -16.53 -9.99 0.87
CA GLU B 69 -16.70 -11.42 1.08
C GLU B 69 -17.69 -11.88 0.02
N PHE B 70 -17.49 -13.09 -0.50
CA PHE B 70 -18.40 -13.62 -1.50
C PHE B 70 -18.29 -15.13 -1.61
N THR B 71 -19.36 -15.74 -2.09
CA THR B 71 -19.40 -17.17 -2.28
C THR B 71 -19.58 -17.39 -3.77
N PRO B 72 -18.51 -17.82 -4.46
CA PRO B 72 -18.54 -18.05 -5.90
C PRO B 72 -19.53 -19.13 -6.36
N THR B 73 -20.09 -18.90 -7.53
CA THR B 73 -21.05 -19.80 -8.16
C THR B 73 -20.49 -20.07 -9.55
N GLU B 74 -20.95 -21.13 -10.21
CA GLU B 74 -20.45 -21.43 -11.53
C GLU B 74 -20.87 -20.36 -12.54
N THR B 75 -22.04 -19.77 -12.32
CA THR B 75 -22.58 -18.77 -13.25
C THR B 75 -22.36 -17.30 -12.91
N ASP B 76 -22.14 -16.97 -11.65
CA ASP B 76 -21.93 -15.56 -11.26
C ASP B 76 -20.63 -14.99 -11.80
N THR B 77 -20.73 -13.78 -12.37
CA THR B 77 -19.55 -13.11 -12.90
C THR B 77 -19.24 -11.92 -12.01
N TYR B 78 -17.95 -11.65 -11.82
CA TYR B 78 -17.52 -10.54 -10.99
C TYR B 78 -16.55 -9.65 -11.75
N ALA B 79 -16.58 -8.37 -11.44
CA ALA B 79 -15.70 -7.42 -12.10
C ALA B 79 -15.43 -6.23 -11.21
N CYS B 80 -14.46 -5.43 -11.63
CA CYS B 80 -14.07 -4.22 -10.91
C CYS B 80 -14.06 -3.11 -11.95
N ARG B 81 -14.83 -2.05 -11.69
CA ARG B 81 -14.90 -0.93 -12.62
C ARG B 81 -14.23 0.28 -11.99
N VAL B 82 -13.31 0.91 -12.72
CA VAL B 82 -12.57 2.04 -12.20
C VAL B 82 -12.63 3.29 -13.07
N LYS B 83 -12.90 4.43 -12.43
CA LYS B 83 -12.96 5.72 -13.12
C LYS B 83 -11.83 6.57 -12.59
N HIS B 84 -11.02 7.12 -13.49
CA HIS B 84 -9.88 7.94 -13.09
C HIS B 84 -9.56 8.93 -14.20
N ASP B 85 -9.05 10.10 -13.83
CA ASP B 85 -8.74 11.14 -14.81
C ASP B 85 -7.75 10.74 -15.89
N SER B 86 -6.92 9.74 -15.62
CA SER B 86 -5.93 9.30 -16.59
C SER B 86 -6.60 8.52 -17.72
N MET B 87 -7.85 8.14 -17.52
CA MET B 87 -8.60 7.38 -18.51
C MET B 87 -9.85 8.13 -18.96
N ALA B 88 -10.01 8.24 -20.27
CA ALA B 88 -11.16 8.93 -20.85
C ALA B 88 -12.48 8.26 -20.52
N GLU B 89 -12.45 6.93 -20.39
CA GLU B 89 -13.65 6.16 -20.08
C GLU B 89 -13.37 5.21 -18.92
N PRO B 90 -14.41 4.83 -18.18
CA PRO B 90 -14.18 3.91 -17.05
C PRO B 90 -13.58 2.61 -17.57
N LYS B 91 -12.85 1.90 -16.71
CA LYS B 91 -12.24 0.64 -17.14
C LYS B 91 -12.73 -0.51 -16.27
N THR B 92 -13.18 -1.59 -16.92
CA THR B 92 -13.66 -2.75 -16.18
C THR B 92 -12.75 -3.95 -16.37
N VAL B 93 -12.39 -4.59 -15.26
CA VAL B 93 -11.55 -5.77 -15.29
C VAL B 93 -12.37 -6.90 -14.68
N TYR B 94 -12.50 -8.00 -15.41
CA TYR B 94 -13.28 -9.14 -14.94
C TYR B 94 -12.45 -10.16 -14.18
N TRP B 95 -13.06 -10.80 -13.20
CA TRP B 95 -12.39 -11.82 -12.43
C TRP B 95 -12.23 -13.04 -13.32
N ASP B 96 -11.00 -13.52 -13.43
CA ASP B 96 -10.69 -14.70 -14.24
C ASP B 96 -10.39 -15.83 -13.27
N ARG B 97 -11.40 -16.64 -12.99
CA ARG B 97 -11.29 -17.76 -12.07
C ARG B 97 -10.22 -18.80 -12.43
N ASP B 98 -9.84 -18.84 -13.70
CA ASP B 98 -8.85 -19.82 -14.16
C ASP B 98 -7.43 -19.30 -14.33
N MET B 99 -7.19 -18.03 -13.99
CA MET B 99 -5.87 -17.45 -14.14
C MET B 99 -4.79 -18.25 -13.42
N SER C 1 2.32 6.10 17.06
CA SER C 1 1.74 7.48 17.06
C SER C 1 2.42 8.32 15.99
N ALA C 2 1.61 8.89 15.11
CA ALA C 2 2.11 9.72 14.01
C ALA C 2 2.78 10.99 14.51
N PRO C 3 3.68 11.57 13.71
CA PRO C 3 4.35 12.80 14.14
C PRO C 3 3.46 14.00 13.89
N ASP C 4 3.78 15.12 14.55
CA ASP C 4 3.02 16.34 14.33
C ASP C 4 3.72 17.04 13.18
N THR C 5 2.97 17.42 12.15
CA THR C 5 3.56 18.09 11.01
C THR C 5 3.25 19.57 11.04
N ARG C 6 4.19 20.39 10.58
CA ARG C 6 4.00 21.83 10.57
C ARG C 6 4.25 22.41 9.18
N PRO C 7 3.71 23.61 8.91
CA PRO C 7 3.82 24.34 7.64
C PRO C 7 5.16 24.41 6.92
N ALA C 8 5.09 24.19 5.60
CA ALA C 8 6.26 24.23 4.73
C ALA C 8 6.49 25.66 4.23
#